data_6STO
#
_entry.id   6STO
#
_cell.length_a   126.770
_cell.length_b   126.770
_cell.length_c   46.260
_cell.angle_alpha   90.000
_cell.angle_beta   90.000
_cell.angle_gamma   120.000
#
_symmetry.space_group_name_H-M   'P 65'
#
loop_
_entity.id
_entity.type
_entity.pdbx_description
1 polymer 'Arundo donax Lectin (ADL)'
2 branched beta-D-galactopyranose-(1-4)-2-acetamido-2-deoxy-beta-D-glucopyranose
3 non-polymer 2-acetamido-2-deoxy-beta-D-glucopyranose
4 non-polymer GLYCEROL
5 water water
#
_entity_poly.entity_id   1
_entity_poly.type   'polypeptide(L)'
_entity_poly.pdbx_seq_one_letter_code
;AYECGKQGGGALCPNNKCCSRYGYCGFGPAYCGTGCQSGGCCPGKRCGDQANGETCPNNLCCSEDGYCGFGSEYCGAGCQ
GGPCRADKLCGTLAGGQLCPDNLCCSQWGFCGLGVEFCGDGCQSGACCSMRCGRQADGAKCTNNYCCGASGYCGLGGDYC
GAGCQSGPCT
;
_entity_poly.pdbx_strand_id   A,B
#
loop_
_chem_comp.id
_chem_comp.type
_chem_comp.name
_chem_comp.formula
GAL D-saccharide, beta linking beta-D-galactopyranose 'C6 H12 O6'
GOL non-polymer GLYCEROL 'C3 H8 O3'
NAG D-saccharide, beta linking 2-acetamido-2-deoxy-beta-D-glucopyranose 'C8 H15 N O6'
#
# COMPACT_ATOMS: atom_id res chain seq x y z
N ALA A 1 -16.53 -5.81 -14.34
CA ALA A 1 -15.38 -4.86 -14.37
C ALA A 1 -14.32 -5.26 -13.35
N TYR A 2 -13.15 -5.65 -13.84
CA TYR A 2 -12.05 -6.03 -12.96
C TYR A 2 -11.69 -4.90 -12.03
N GLU A 3 -11.07 -5.24 -10.91
CA GLU A 3 -10.78 -4.26 -9.89
C GLU A 3 -9.29 -4.03 -9.71
N CYS A 4 -8.50 -5.06 -9.99
CA CYS A 4 -7.11 -5.03 -9.55
C CYS A 4 -6.20 -5.96 -10.34
N GLY A 5 -4.90 -5.80 -10.14
CA GLY A 5 -3.92 -6.73 -10.67
C GLY A 5 -3.71 -6.56 -12.16
N LYS A 6 -3.27 -7.63 -12.81
CA LYS A 6 -2.94 -7.55 -14.23
C LYS A 6 -4.17 -7.32 -15.09
N GLN A 7 -5.35 -7.67 -14.56
CA GLN A 7 -6.60 -7.44 -15.29
C GLN A 7 -7.09 -6.01 -15.11
N GLY A 8 -6.64 -5.36 -14.04
CA GLY A 8 -7.17 -4.05 -13.66
C GLY A 8 -6.13 -2.96 -13.74
N GLY A 9 -5.21 -3.10 -14.69
CA GLY A 9 -4.20 -2.08 -14.94
C GLY A 9 -3.18 -1.93 -13.83
N GLY A 10 -3.03 -2.97 -13.03
CA GLY A 10 -2.03 -2.98 -11.96
C GLY A 10 -2.52 -2.32 -10.69
N ALA A 11 -3.81 -1.96 -10.66
CA ALA A 11 -4.40 -1.34 -9.49
C ALA A 11 -4.29 -2.23 -8.25
N LEU A 12 -4.15 -1.61 -7.09
CA LEU A 12 -4.18 -2.31 -5.82
C LEU A 12 -5.54 -2.18 -5.17
N CYS A 13 -5.84 -3.09 -4.25
CA CYS A 13 -7.05 -2.99 -3.44
C CYS A 13 -6.76 -2.18 -2.19
N PRO A 14 -7.78 -1.53 -1.63
CA PRO A 14 -7.58 -0.75 -0.41
C PRO A 14 -7.61 -1.61 0.85
N ASN A 15 -6.92 -1.13 1.88
CA ASN A 15 -6.97 -1.73 3.23
C ASN A 15 -6.52 -3.19 3.20
N ASN A 16 -5.48 -3.46 2.43
CA ASN A 16 -4.81 -4.76 2.41
C ASN A 16 -5.63 -5.89 1.82
N LYS A 17 -6.74 -5.56 1.17
CA LYS A 17 -7.50 -6.58 0.49
C LYS A 17 -6.64 -7.28 -0.57
N CYS A 18 -6.80 -8.59 -0.66
CA CYS A 18 -6.06 -9.39 -1.62
C CYS A 18 -6.67 -9.28 -3.00
N CYS A 19 -5.82 -9.21 -4.01
CA CYS A 19 -6.25 -9.27 -5.38
C CYS A 19 -6.18 -10.69 -5.89
N SER A 20 -7.33 -11.29 -6.19
CA SER A 20 -7.36 -12.67 -6.62
C SER A 20 -6.65 -12.87 -7.95
N ARG A 21 -6.46 -14.13 -8.32
CA ARG A 21 -5.84 -14.46 -9.59
C ARG A 21 -6.69 -13.99 -10.76
N TYR A 22 -7.94 -13.63 -10.48
CA TYR A 22 -8.89 -13.21 -11.53
C TYR A 22 -9.08 -11.69 -11.59
N GLY A 23 -8.47 -10.97 -10.65
CA GLY A 23 -8.50 -9.51 -10.67
C GLY A 23 -9.64 -8.89 -9.88
N TYR A 24 -9.99 -9.52 -8.75
CA TYR A 24 -11.02 -8.99 -7.86
C TYR A 24 -10.51 -8.92 -6.42
N CYS A 25 -11.03 -7.97 -5.65
CA CYS A 25 -10.56 -7.71 -4.28
C CYS A 25 -11.38 -8.46 -3.25
N GLY A 26 -10.70 -8.92 -2.20
CA GLY A 26 -11.37 -9.63 -1.12
C GLY A 26 -10.40 -10.28 -0.16
N PHE A 27 -10.95 -11.03 0.79
CA PHE A 27 -10.17 -11.80 1.74
C PHE A 27 -10.61 -13.26 1.72
N GLY A 28 -9.80 -14.12 2.32
CA GLY A 28 -10.07 -15.54 2.30
C GLY A 28 -9.30 -16.24 1.20
N PRO A 29 -9.31 -17.59 1.23
CA PRO A 29 -8.45 -18.39 0.35
C PRO A 29 -8.57 -18.02 -1.12
N ALA A 30 -9.79 -17.75 -1.59
CA ALA A 30 -10.01 -17.48 -3.00
C ALA A 30 -9.23 -16.25 -3.46
N TYR A 31 -9.00 -15.31 -2.56
CA TYR A 31 -8.34 -14.07 -2.92
C TYR A 31 -6.86 -14.08 -2.52
N CYS A 32 -6.59 -14.53 -1.29
CA CYS A 32 -5.27 -14.38 -0.69
C CYS A 32 -4.37 -15.60 -0.93
N GLY A 33 -4.98 -16.70 -1.34
CA GLY A 33 -4.25 -17.94 -1.53
C GLY A 33 -3.59 -18.04 -2.89
N THR A 34 -3.66 -19.23 -3.48
CA THR A 34 -3.00 -19.47 -4.75
C THR A 34 -3.41 -18.43 -5.78
N GLY A 35 -2.43 -17.75 -6.35
CA GLY A 35 -2.67 -16.79 -7.43
C GLY A 35 -2.80 -15.36 -6.97
N CYS A 36 -2.81 -15.16 -5.65
CA CYS A 36 -2.92 -13.82 -5.09
C CYS A 36 -1.89 -12.89 -5.74
N GLN A 37 -2.33 -11.72 -6.17
CA GLN A 37 -1.47 -10.80 -6.91
C GLN A 37 -0.89 -9.69 -6.02
N SER A 38 -1.64 -9.33 -4.99
CA SER A 38 -1.28 -8.21 -4.13
C SER A 38 -2.15 -8.21 -2.89
N GLY A 39 -1.87 -7.29 -1.98
CA GLY A 39 -2.58 -7.25 -0.71
C GLY A 39 -1.99 -8.21 0.30
N GLY A 40 -2.80 -8.61 1.27
CA GLY A 40 -2.35 -9.50 2.34
C GLY A 40 -2.39 -10.96 1.94
N CYS A 41 -1.63 -11.31 0.91
CA CYS A 41 -1.58 -12.68 0.42
C CYS A 41 -1.11 -13.62 1.53
N CYS A 42 -1.61 -14.84 1.49
CA CYS A 42 -1.17 -15.86 2.42
C CYS A 42 -0.93 -17.16 1.67
N PRO A 43 0.33 -17.60 1.58
CA PRO A 43 1.44 -16.89 2.19
C PRO A 43 1.77 -15.62 1.42
N GLY A 44 2.58 -14.77 2.02
CA GLY A 44 2.96 -13.54 1.37
C GLY A 44 3.55 -13.81 0.00
N LYS A 45 3.45 -12.82 -0.87
CA LYS A 45 4.12 -12.88 -2.17
C LYS A 45 5.62 -13.01 -1.96
N ARG A 46 6.31 -13.58 -2.93
CA ARG A 46 7.76 -13.67 -2.87
C ARG A 46 8.37 -12.33 -3.27
N CYS A 47 9.52 -12.02 -2.68
CA CYS A 47 10.11 -10.70 -2.83
C CYS A 47 11.61 -10.74 -2.53
N GLY A 48 12.31 -9.67 -2.88
CA GLY A 48 13.70 -9.50 -2.46
C GLY A 48 14.68 -10.38 -3.22
N ASP A 49 15.74 -10.81 -2.53
CA ASP A 49 16.82 -11.54 -3.18
C ASP A 49 16.33 -12.90 -3.64
N GLN A 50 15.17 -13.31 -3.12
CA GLN A 50 14.58 -14.59 -3.48
C GLN A 50 13.63 -14.46 -4.67
N ALA A 51 13.43 -13.23 -5.14
CA ALA A 51 12.51 -13.00 -6.26
C ALA A 51 13.02 -11.92 -7.23
N ASN A 52 14.29 -12.03 -7.61
CA ASN A 52 14.87 -11.13 -8.60
C ASN A 52 14.67 -9.66 -8.25
N GLY A 53 14.64 -9.36 -6.96
CA GLY A 53 14.61 -7.98 -6.48
C GLY A 53 13.22 -7.36 -6.48
N GLU A 54 12.20 -8.16 -6.76
CA GLU A 54 10.82 -7.68 -6.76
C GLU A 54 10.44 -7.14 -5.38
N THR A 55 9.77 -5.99 -5.36
CA THR A 55 9.31 -5.42 -4.10
C THR A 55 7.91 -5.91 -3.79
N CYS A 56 7.51 -5.78 -2.53
CA CYS A 56 6.17 -6.14 -2.11
C CYS A 56 5.16 -5.10 -2.53
N PRO A 57 4.03 -5.56 -3.10
CA PRO A 57 2.93 -4.62 -3.35
C PRO A 57 2.32 -4.10 -2.04
N ASN A 58 1.68 -2.93 -2.12
CA ASN A 58 0.98 -2.31 -0.99
C ASN A 58 1.92 -1.90 0.14
N ASN A 59 3.20 -1.71 -0.19
CA ASN A 59 4.19 -1.31 0.81
C ASN A 59 4.29 -2.30 1.98
N LEU A 60 4.12 -3.59 1.69
CA LEU A 60 4.42 -4.59 2.68
C LEU A 60 5.94 -4.73 2.81
N CYS A 61 6.36 -5.24 3.96
CA CYS A 61 7.78 -5.51 4.19
C CYS A 61 8.16 -6.85 3.61
N CYS A 62 9.38 -6.91 3.08
CA CYS A 62 9.93 -8.13 2.56
C CYS A 62 10.85 -8.75 3.59
N SER A 63 10.48 -9.93 4.09
CA SER A 63 11.21 -10.57 5.16
C SER A 63 12.58 -11.06 4.71
N GLU A 64 13.38 -11.48 5.68
CA GLU A 64 14.68 -12.06 5.41
C GLU A 64 14.55 -13.27 4.47
N ASP A 65 13.46 -14.00 4.62
CA ASP A 65 13.21 -15.21 3.84
C ASP A 65 12.48 -14.93 2.51
N GLY A 66 12.20 -13.66 2.24
CA GLY A 66 11.66 -13.27 0.92
C GLY A 66 10.16 -13.46 0.77
N TYR A 67 9.43 -13.23 1.87
CA TYR A 67 7.97 -13.19 1.83
C TYR A 67 7.48 -11.81 2.27
N CYS A 68 6.34 -11.39 1.72
CA CYS A 68 5.75 -10.11 2.06
C CYS A 68 4.82 -10.22 3.25
N GLY A 69 4.94 -9.26 4.17
CA GLY A 69 4.09 -9.22 5.35
C GLY A 69 4.31 -7.97 6.18
N PHE A 70 3.80 -7.99 7.40
CA PHE A 70 4.01 -6.94 8.37
C PHE A 70 4.28 -7.56 9.71
N GLY A 71 4.80 -6.77 10.64
CA GLY A 71 5.23 -7.26 11.94
C GLY A 71 6.74 -7.39 11.99
N SER A 72 7.28 -7.62 13.19
CA SER A 72 8.71 -7.61 13.37
C SER A 72 9.40 -8.69 12.54
N GLU A 73 8.70 -9.80 12.31
CA GLU A 73 9.24 -10.90 11.53
C GLU A 73 9.51 -10.48 10.08
N TYR A 74 8.82 -9.43 9.62
CA TYR A 74 8.93 -8.96 8.24
C TYR A 74 9.68 -7.64 8.13
N CYS A 75 9.34 -6.69 9.00
CA CYS A 75 9.91 -5.35 8.92
C CYS A 75 11.15 -5.18 9.79
N GLY A 76 11.36 -6.08 10.73
CA GLY A 76 12.47 -5.98 11.67
C GLY A 76 13.75 -6.56 11.12
N ALA A 77 14.45 -7.31 11.96
CA ALA A 77 15.74 -7.87 11.59
C ALA A 77 15.67 -8.64 10.27
N GLY A 78 16.54 -8.30 9.34
CA GLY A 78 16.62 -9.01 8.07
C GLY A 78 15.69 -8.49 6.99
N CYS A 79 14.90 -7.48 7.31
CA CYS A 79 13.98 -6.90 6.33
C CYS A 79 14.75 -6.44 5.10
N GLN A 80 14.24 -6.79 3.92
CA GLN A 80 14.92 -6.50 2.65
C GLN A 80 14.33 -5.31 1.92
N GLY A 81 13.09 -4.98 2.25
CA GLY A 81 12.38 -3.96 1.50
C GLY A 81 11.07 -3.56 2.13
N GLY A 82 10.45 -2.52 1.58
CA GLY A 82 9.27 -1.95 2.18
C GLY A 82 9.63 -1.09 3.37
N PRO A 83 8.67 -0.85 4.26
CA PRO A 83 8.91 0.02 5.40
C PRO A 83 9.62 -0.71 6.53
N CYS A 84 10.83 -1.19 6.25
CA CYS A 84 11.66 -1.79 7.27
C CYS A 84 11.82 -0.81 8.43
N ARG A 85 12.08 -1.34 9.61
CA ARG A 85 12.28 -0.52 10.80
C ARG A 85 13.61 0.22 10.76
N ALA A 86 14.57 -0.34 10.03
CA ALA A 86 15.86 0.32 9.83
C ALA A 86 15.71 1.46 8.83
N ASP A 87 16.39 2.57 9.09
CA ASP A 87 16.44 3.66 8.13
C ASP A 87 16.98 3.14 6.80
N LYS A 88 16.50 3.74 5.71
CA LYS A 88 16.86 3.29 4.37
C LYS A 88 17.66 4.38 3.66
N LEU A 89 18.92 4.07 3.36
CA LEU A 89 19.83 5.04 2.76
C LEU A 89 19.63 5.11 1.25
N CYS A 90 19.96 6.26 0.68
CA CYS A 90 19.84 6.47 -0.76
C CYS A 90 20.79 7.58 -1.21
N GLY A 91 21.05 7.63 -2.51
CA GLY A 91 21.89 8.67 -3.09
C GLY A 91 22.38 8.33 -4.48
N GLN A 97 21.66 4.92 -6.69
CA GLN A 97 20.89 4.09 -5.77
C GLN A 97 19.60 4.78 -5.35
N LEU A 98 18.63 4.77 -6.25
CA LEU A 98 17.32 5.37 -6.00
C LEU A 98 16.55 4.57 -4.96
N CYS A 99 15.64 5.24 -4.26
CA CYS A 99 14.73 4.55 -3.37
C CYS A 99 13.80 3.65 -4.16
N PRO A 100 13.45 2.50 -3.59
CA PRO A 100 12.49 1.63 -4.25
C PRO A 100 11.10 2.24 -4.26
N ASP A 101 10.27 1.80 -5.20
CA ASP A 101 8.85 2.17 -5.25
C ASP A 101 8.62 3.67 -5.08
N ASN A 102 9.43 4.45 -5.79
CA ASN A 102 9.23 5.89 -5.94
C ASN A 102 9.30 6.67 -4.63
N LEU A 103 9.89 6.07 -3.59
CA LEU A 103 10.11 6.82 -2.37
C LEU A 103 11.08 7.96 -2.63
N CYS A 104 10.90 9.06 -1.91
CA CYS A 104 11.75 10.22 -2.06
C CYS A 104 13.05 10.04 -1.32
N CYS A 105 14.15 10.39 -2.00
CA CYS A 105 15.44 10.47 -1.33
C CYS A 105 15.66 11.88 -0.84
N SER A 106 15.62 12.04 0.49
CA SER A 106 15.72 13.36 1.09
C SER A 106 17.07 13.99 0.80
N GLN A 107 17.20 15.26 1.15
CA GLN A 107 18.46 15.96 1.01
C GLN A 107 19.55 15.30 1.87
N TRP A 108 19.14 14.56 2.89
CA TRP A 108 20.09 13.95 3.83
C TRP A 108 20.41 12.50 3.49
N GLY A 109 19.80 11.99 2.43
CA GLY A 109 20.12 10.66 1.92
C GLY A 109 19.36 9.53 2.60
N PHE A 110 18.13 9.81 3.01
CA PHE A 110 17.24 8.77 3.53
C PHE A 110 15.97 8.68 2.70
N CYS A 111 15.42 7.49 2.58
CA CYS A 111 14.19 7.26 1.83
C CYS A 111 12.98 7.50 2.71
N GLY A 112 11.95 8.12 2.14
CA GLY A 112 10.67 8.29 2.81
C GLY A 112 9.66 9.00 1.94
N LEU A 113 8.53 9.33 2.54
CA LEU A 113 7.49 10.10 1.89
C LEU A 113 7.02 11.16 2.86
N GLY A 114 6.37 12.20 2.35
CA GLY A 114 6.06 13.38 3.16
C GLY A 114 7.02 14.51 2.85
N VAL A 115 6.70 15.70 3.32
CA VAL A 115 7.43 16.90 2.93
C VAL A 115 8.91 16.89 3.33
N GLU A 116 9.24 16.23 4.43
CA GLU A 116 10.64 16.18 4.89
C GLU A 116 11.52 15.46 3.88
N PHE A 117 10.93 14.53 3.14
CA PHE A 117 11.67 13.76 2.15
C PHE A 117 11.44 14.30 0.73
N CYS A 118 10.19 14.61 0.41
CA CYS A 118 9.81 14.94 -0.96
C CYS A 118 9.83 16.44 -1.23
N GLY A 119 9.89 17.23 -0.16
CA GLY A 119 9.87 18.67 -0.28
C GLY A 119 11.23 19.27 -0.57
N ASP A 120 11.54 20.37 0.10
CA ASP A 120 12.79 21.06 -0.13
C ASP A 120 13.98 20.12 0.00
N GLY A 121 14.82 20.10 -1.02
CA GLY A 121 16.05 19.32 -0.99
C GLY A 121 15.89 17.91 -1.53
N CYS A 122 14.67 17.54 -1.89
CA CYS A 122 14.42 16.21 -2.44
C CYS A 122 15.36 15.96 -3.62
N GLN A 123 16.02 14.80 -3.60
CA GLN A 123 17.01 14.47 -4.62
C GLN A 123 16.43 13.65 -5.77
N SER A 124 15.49 12.77 -5.43
CA SER A 124 14.93 11.84 -6.40
C SER A 124 13.68 11.18 -5.84
N GLY A 125 13.02 10.36 -6.65
CA GLY A 125 11.74 9.78 -6.28
C GLY A 125 10.58 10.73 -6.54
N ALA A 126 9.52 10.58 -5.75
CA ALA A 126 8.29 11.35 -5.93
C ALA A 126 8.38 12.75 -5.32
N CYS A 127 9.38 13.52 -5.74
CA CYS A 127 9.56 14.86 -5.19
C CYS A 127 8.33 15.72 -5.46
N CYS A 128 8.08 16.65 -4.54
CA CYS A 128 6.93 17.54 -4.62
C CYS A 128 6.95 18.40 -5.87
N SER A 129 8.10 19.01 -6.14
CA SER A 129 8.19 19.94 -7.25
C SER A 129 9.64 20.05 -7.75
N MET A 130 9.91 19.40 -8.87
CA MET A 130 11.23 19.47 -9.49
C MET A 130 11.10 20.04 -10.89
N ARG A 131 11.89 21.07 -11.16
CA ARG A 131 11.81 21.77 -12.44
C ARG A 131 12.63 21.05 -13.50
N CYS A 132 12.28 21.28 -14.76
CA CYS A 132 12.90 20.57 -15.87
C CYS A 132 12.63 21.28 -17.19
N GLY A 133 13.34 20.87 -18.24
CA GLY A 133 13.06 21.33 -19.59
C GLY A 133 13.39 22.80 -19.82
N ARG A 134 12.76 23.36 -20.85
CA ARG A 134 12.96 24.77 -21.21
C ARG A 134 13.09 25.64 -19.97
N GLN A 135 12.18 25.43 -19.02
CA GLN A 135 12.05 26.32 -17.87
C GLN A 135 13.15 26.09 -16.84
N ALA A 136 14.03 25.13 -17.10
CA ALA A 136 15.08 24.78 -16.14
C ALA A 136 16.39 24.47 -16.84
N ASP A 137 16.69 25.22 -17.90
CA ASP A 137 17.97 25.11 -18.58
C ASP A 137 18.18 23.71 -19.16
N GLY A 138 17.09 23.04 -19.48
CA GLY A 138 17.15 21.72 -20.11
C GLY A 138 17.43 20.60 -19.12
N ALA A 139 17.20 20.88 -17.84
CA ALA A 139 17.40 19.88 -16.79
C ALA A 139 16.49 18.67 -17.02
N LYS A 140 17.06 17.48 -16.90
CA LYS A 140 16.31 16.24 -17.08
C LYS A 140 15.75 15.77 -15.75
N CYS A 141 14.59 15.11 -15.80
CA CYS A 141 13.98 14.55 -14.61
C CYS A 141 14.69 13.27 -14.19
N THR A 142 14.68 12.99 -12.90
CA THR A 142 15.21 11.74 -12.38
C THR A 142 14.15 10.65 -12.46
N ASN A 143 14.56 9.41 -12.23
CA ASN A 143 13.63 8.28 -12.14
C ASN A 143 12.91 8.03 -13.45
N ASN A 144 13.46 8.57 -14.54
CA ASN A 144 12.84 8.43 -15.85
C ASN A 144 11.40 8.96 -15.84
N TYR A 145 11.17 10.00 -15.03
CA TYR A 145 9.89 10.68 -15.04
C TYR A 145 9.77 11.53 -16.31
N CYS A 146 8.58 12.06 -16.56
CA CYS A 146 8.35 12.93 -17.71
C CYS A 146 8.49 14.37 -17.29
N CYS A 147 8.95 15.21 -18.22
CA CYS A 147 8.97 16.64 -18.00
C CYS A 147 7.74 17.27 -18.65
N GLY A 148 6.87 17.83 -17.81
CA GLY A 148 5.63 18.44 -18.30
C GLY A 148 5.86 19.63 -19.19
N ALA A 149 4.79 20.10 -19.81
CA ALA A 149 4.87 21.24 -20.73
C ALA A 149 5.35 22.50 -20.00
N SER A 150 4.88 22.67 -18.76
CA SER A 150 5.22 23.88 -18.00
C SER A 150 6.55 23.72 -17.28
N GLY A 151 7.14 22.54 -17.37
CA GLY A 151 8.49 22.31 -16.86
C GLY A 151 8.55 21.79 -15.45
N TYR A 152 7.61 20.91 -15.11
CA TYR A 152 7.65 20.20 -13.83
C TYR A 152 7.73 18.70 -14.07
N CYS A 153 8.48 18.01 -13.22
CA CYS A 153 8.65 16.57 -13.35
C CYS A 153 7.44 15.83 -12.78
N GLY A 154 7.08 14.73 -13.40
CA GLY A 154 6.01 13.89 -12.90
C GLY A 154 5.71 12.75 -13.83
N LEU A 155 4.65 12.01 -13.50
CA LEU A 155 4.17 10.94 -14.35
C LEU A 155 2.66 11.08 -14.48
N GLY A 156 2.09 10.38 -15.44
CA GLY A 156 0.65 10.46 -15.70
C GLY A 156 0.37 11.36 -16.88
N GLY A 157 -0.91 11.53 -17.18
CA GLY A 157 -1.34 12.26 -18.36
C GLY A 157 -0.79 13.67 -18.43
N ASP A 158 -0.83 14.39 -17.32
CA ASP A 158 -0.49 15.81 -17.31
C ASP A 158 0.99 16.07 -17.61
N TYR A 159 1.81 15.04 -17.46
CA TYR A 159 3.26 15.20 -17.61
C TYR A 159 3.81 14.43 -18.82
N CYS A 160 3.32 13.22 -19.03
CA CYS A 160 3.78 12.40 -20.14
C CYS A 160 2.94 12.62 -21.39
N GLY A 161 1.79 13.28 -21.21
CA GLY A 161 0.86 13.51 -22.31
C GLY A 161 1.31 14.66 -23.20
N ALA A 162 0.33 15.33 -23.81
CA ALA A 162 0.62 16.44 -24.71
C ALA A 162 1.41 17.53 -23.98
N GLY A 163 2.45 18.01 -24.64
CA GLY A 163 3.30 19.05 -24.05
C GLY A 163 4.58 18.48 -23.46
N CYS A 164 4.57 17.20 -23.16
CA CYS A 164 5.73 16.52 -22.58
C CYS A 164 7.00 16.93 -23.32
N GLN A 165 8.06 17.24 -22.57
CA GLN A 165 9.30 17.72 -23.15
C GLN A 165 10.34 16.62 -23.25
N SER A 166 10.50 15.87 -22.16
CA SER A 166 11.52 14.82 -22.10
C SER A 166 11.04 13.66 -21.23
N GLY A 167 11.85 12.61 -21.18
CA GLY A 167 11.46 11.38 -20.49
C GLY A 167 10.60 10.51 -21.39
N PRO A 168 9.94 9.50 -20.80
CA PRO A 168 9.08 8.61 -21.56
C PRO A 168 7.77 9.28 -21.96
N CYS A 169 7.85 10.30 -22.81
CA CYS A 169 6.69 11.03 -23.29
C CYS A 169 5.76 10.12 -24.10
N THR A 170 4.58 10.63 -24.41
CA THR A 170 3.63 9.91 -25.24
C THR A 170 3.90 8.42 -25.23
N ALA B 1 -10.76 5.43 -18.71
CA ALA B 1 -11.46 5.11 -17.44
C ALA B 1 -10.62 5.53 -16.24
N TYR B 2 -11.30 5.87 -15.15
CA TYR B 2 -10.62 6.28 -13.92
C TYR B 2 -9.77 5.12 -13.40
N GLU B 3 -8.79 5.45 -12.57
CA GLU B 3 -7.81 4.46 -12.13
C GLU B 3 -7.85 4.23 -10.63
N CYS B 4 -8.31 5.22 -9.89
CA CYS B 4 -8.11 5.23 -8.45
C CYS B 4 -9.08 6.15 -7.73
N GLY B 5 -9.10 6.05 -6.41
CA GLY B 5 -9.82 7.01 -5.58
C GLY B 5 -11.32 6.86 -5.67
N LYS B 6 -12.04 7.90 -5.29
CA LYS B 6 -13.50 7.87 -5.32
C LYS B 6 -14.01 7.47 -6.70
N GLN B 7 -13.40 8.03 -7.73
CA GLN B 7 -13.87 7.85 -9.10
C GLN B 7 -13.54 6.45 -9.61
N GLY B 8 -12.52 5.84 -9.00
CA GLY B 8 -12.04 4.53 -9.44
C GLY B 8 -12.36 3.42 -8.47
N GLY B 9 -13.48 3.55 -7.76
CA GLY B 9 -13.99 2.47 -6.92
C GLY B 9 -13.13 2.21 -5.69
N GLY B 10 -12.28 3.17 -5.35
CA GLY B 10 -11.48 3.08 -4.13
C GLY B 10 -10.14 2.41 -4.36
N ALA B 11 -9.83 2.11 -5.61
CA ALA B 11 -8.56 1.47 -5.95
C ALA B 11 -7.39 2.37 -5.55
N LEU B 12 -6.25 1.74 -5.31
CA LEU B 12 -5.01 2.45 -5.11
C LEU B 12 -4.13 2.32 -6.34
N CYS B 13 -3.25 3.29 -6.54
CA CYS B 13 -2.27 3.22 -7.61
C CYS B 13 -1.10 2.33 -7.19
N PRO B 14 -0.43 1.72 -8.17
CA PRO B 14 0.76 0.94 -7.85
C PRO B 14 2.00 1.80 -7.62
N ASN B 15 2.93 1.28 -6.82
CA ASN B 15 4.25 1.90 -6.65
C ASN B 15 4.16 3.32 -6.09
N ASN B 16 3.22 3.53 -5.18
CA ASN B 16 3.07 4.79 -4.45
C ASN B 16 2.72 5.97 -5.35
N LYS B 17 2.25 5.69 -6.55
CA LYS B 17 1.74 6.76 -7.41
C LYS B 17 0.56 7.47 -6.75
N CYS B 18 0.55 8.79 -6.88
CA CYS B 18 -0.50 9.59 -6.28
C CYS B 18 -1.78 9.48 -7.08
N CYS B 19 -2.89 9.38 -6.36
CA CYS B 19 -4.19 9.48 -6.98
C CYS B 19 -4.65 10.92 -6.93
N SER B 20 -4.80 11.53 -8.10
CA SER B 20 -5.17 12.93 -8.19
C SER B 20 -6.59 13.14 -7.70
N ARG B 21 -6.98 14.40 -7.60
CA ARG B 21 -8.33 14.77 -7.20
C ARG B 21 -9.36 14.30 -8.23
N TYR B 22 -8.89 13.90 -9.41
CA TYR B 22 -9.79 13.47 -10.50
C TYR B 22 -9.84 11.96 -10.68
N GLY B 23 -9.03 11.25 -9.91
CA GLY B 23 -9.08 9.79 -9.92
C GLY B 23 -8.16 9.15 -10.95
N TYR B 24 -7.02 9.77 -11.19
CA TYR B 24 -6.01 9.20 -12.07
C TYR B 24 -4.66 9.14 -11.37
N CYS B 25 -3.79 8.25 -11.83
CA CYS B 25 -2.51 7.97 -11.17
C CYS B 25 -1.36 8.75 -11.80
N GLY B 26 -0.45 9.24 -10.97
CA GLY B 26 0.74 9.94 -11.46
C GLY B 26 1.59 10.50 -10.34
N PHE B 27 2.62 11.25 -10.73
CA PHE B 27 3.44 12.00 -9.77
C PHE B 27 3.50 13.46 -10.21
N GLY B 28 4.04 14.30 -9.34
CA GLY B 28 4.07 15.74 -9.61
C GLY B 28 2.89 16.45 -8.99
N PRO B 29 2.91 17.79 -9.01
CA PRO B 29 1.92 18.56 -8.27
C PRO B 29 0.46 18.25 -8.64
N ALA B 30 0.22 17.94 -9.92
CA ALA B 30 -1.16 17.74 -10.38
C ALA B 30 -1.78 16.49 -9.76
N TYR B 31 -0.95 15.52 -9.40
CA TYR B 31 -1.43 14.28 -8.82
C TYR B 31 -1.23 14.25 -7.31
N CYS B 32 -0.08 14.73 -6.84
CA CYS B 32 0.29 14.58 -5.44
C CYS B 32 -0.10 15.77 -4.59
N GLY B 33 -0.51 16.86 -5.25
CA GLY B 33 -0.84 18.10 -4.56
C GLY B 33 -2.28 18.17 -4.08
N THR B 34 -2.88 19.34 -4.17
CA THR B 34 -4.21 19.57 -3.61
C THR B 34 -5.21 18.53 -4.12
N GLY B 35 -5.88 17.88 -3.18
CA GLY B 35 -6.93 16.93 -3.51
C GLY B 35 -6.41 15.51 -3.72
N CYS B 36 -5.10 15.32 -3.54
CA CYS B 36 -4.52 13.99 -3.64
C CYS B 36 -5.25 13.02 -2.71
N GLN B 37 -5.64 11.87 -3.25
CA GLN B 37 -6.49 10.94 -2.50
C GLN B 37 -5.72 9.80 -1.85
N SER B 38 -4.58 9.44 -2.43
CA SER B 38 -3.77 8.34 -1.93
C SER B 38 -2.43 8.35 -2.62
N GLY B 39 -1.56 7.43 -2.20
CA GLY B 39 -0.19 7.40 -2.71
C GLY B 39 0.71 8.38 -1.97
N GLY B 40 1.79 8.78 -2.61
CA GLY B 40 2.76 9.67 -1.98
C GLY B 40 2.39 11.13 -2.08
N CYS B 41 1.23 11.49 -1.53
CA CYS B 41 0.76 12.86 -1.55
C CYS B 41 1.79 13.78 -0.89
N CYS B 42 1.90 14.99 -1.43
CA CYS B 42 2.74 16.01 -0.82
C CYS B 42 1.97 17.33 -0.74
N PRO B 43 1.68 17.77 0.47
CA PRO B 43 2.06 17.06 1.69
C PRO B 43 1.31 15.75 1.85
N GLY B 44 1.67 14.99 2.87
CA GLY B 44 0.97 13.74 3.16
C GLY B 44 -0.48 13.98 3.58
N LYS B 45 -1.35 13.05 3.24
CA LYS B 45 -2.74 13.12 3.66
C LYS B 45 -2.80 13.21 5.18
N ARG B 46 -3.86 13.83 5.68
CA ARG B 46 -4.09 13.88 7.13
C ARG B 46 -4.62 12.55 7.62
N CYS B 47 -4.29 12.21 8.85
CA CYS B 47 -4.58 10.88 9.37
C CYS B 47 -4.65 10.88 10.89
N GLY B 48 -5.27 9.83 11.43
CA GLY B 48 -5.28 9.62 12.88
C GLY B 48 -6.05 10.70 13.61
N ASP B 49 -5.48 11.17 14.72
CA ASP B 49 -6.14 12.14 15.57
C ASP B 49 -6.32 13.48 14.87
N GLN B 50 -5.88 13.54 13.61
CA GLN B 50 -6.04 14.75 12.81
C GLN B 50 -6.95 14.50 11.61
N ALA B 51 -7.64 13.35 11.61
CA ALA B 51 -8.50 12.99 10.49
C ALA B 51 -9.62 12.06 10.93
N ASN B 52 -10.11 12.26 12.15
CA ASN B 52 -11.25 11.51 12.65
C ASN B 52 -10.93 10.01 12.73
N GLY B 53 -9.64 9.69 12.81
CA GLY B 53 -9.21 8.31 13.01
C GLY B 53 -9.01 7.53 11.72
N GLU B 54 -9.07 8.22 10.58
CA GLU B 54 -8.83 7.59 9.30
C GLU B 54 -7.35 7.21 9.16
N THR B 55 -7.09 5.99 8.72
CA THR B 55 -5.72 5.54 8.51
C THR B 55 -5.22 5.97 7.13
N CYS B 56 -3.90 5.97 6.97
CA CYS B 56 -3.28 6.35 5.71
C CYS B 56 -3.54 5.30 4.64
N PRO B 57 -3.85 5.75 3.42
CA PRO B 57 -3.95 4.81 2.31
C PRO B 57 -2.58 4.21 1.97
N ASN B 58 -2.58 3.03 1.36
CA ASN B 58 -1.34 2.39 0.89
C ASN B 58 -0.40 1.98 2.04
N ASN B 59 -0.94 1.81 3.25
CA ASN B 59 -0.11 1.45 4.41
C ASN B 59 1.03 2.44 4.67
N LEU B 60 0.79 3.72 4.42
CA LEU B 60 1.71 4.73 4.89
C LEU B 60 1.61 4.87 6.40
N CYS B 61 2.67 5.40 7.01
CA CYS B 61 2.65 5.63 8.44
C CYS B 61 2.05 6.98 8.75
N CYS B 62 1.29 7.03 9.84
CA CYS B 62 0.71 8.28 10.32
C CYS B 62 1.58 8.87 11.40
N SER B 63 2.18 10.03 11.12
CA SER B 63 3.10 10.67 12.05
C SER B 63 2.36 11.22 13.27
N GLU B 64 3.12 11.59 14.29
CA GLU B 64 2.56 12.16 15.51
C GLU B 64 1.78 13.44 15.19
N ASP B 65 2.13 14.09 14.10
CA ASP B 65 1.48 15.35 13.70
C ASP B 65 0.25 15.10 12.81
N GLY B 66 0.01 13.84 12.46
CA GLY B 66 -1.18 13.48 11.71
C GLY B 66 -1.02 13.63 10.21
N TYR B 67 0.18 13.35 9.71
CA TYR B 67 0.44 13.35 8.27
C TYR B 67 0.93 11.97 7.83
N CYS B 68 0.59 11.59 6.61
CA CYS B 68 0.99 10.29 6.07
C CYS B 68 2.33 10.35 5.39
N GLY B 69 3.16 9.34 5.62
CA GLY B 69 4.47 9.30 5.01
C GLY B 69 5.26 8.06 5.42
N PHE B 70 6.53 8.05 5.07
CA PHE B 70 7.44 6.99 5.47
C PHE B 70 8.73 7.62 5.96
N GLY B 71 9.52 6.84 6.69
CA GLY B 71 10.74 7.33 7.32
C GLY B 71 10.56 7.41 8.82
N SER B 72 11.65 7.66 9.55
CA SER B 72 11.60 7.64 11.01
C SER B 72 10.66 8.72 11.55
N GLU B 73 10.53 9.81 10.80
CA GLU B 73 9.65 10.91 11.19
C GLU B 73 8.19 10.48 11.23
N TYR B 74 7.87 9.45 10.45
CA TYR B 74 6.48 9.01 10.31
C TYR B 74 6.23 7.68 11.03
N CYS B 75 7.13 6.72 10.83
CA CYS B 75 6.94 5.37 11.37
C CYS B 75 7.58 5.20 12.75
N GLY B 76 8.46 6.11 13.11
CA GLY B 76 9.21 6.01 14.36
C GLY B 76 8.46 6.57 15.54
N ALA B 77 9.18 7.31 16.39
CA ALA B 77 8.58 7.85 17.59
C ALA B 77 7.33 8.67 17.26
N GLY B 78 6.24 8.36 17.95
CA GLY B 78 5.01 9.15 17.80
C GLY B 78 4.08 8.62 16.70
N CYS B 79 4.52 7.59 15.99
CA CYS B 79 3.70 6.99 14.94
C CYS B 79 2.38 6.51 15.53
N GLN B 80 1.27 6.87 14.89
CA GLN B 80 -0.06 6.54 15.43
C GLN B 80 -0.90 5.68 14.47
N GLY B 81 -0.26 5.15 13.44
CA GLY B 81 -0.95 4.28 12.49
C GLY B 81 -0.05 3.77 11.37
N GLY B 82 -0.51 2.74 10.68
CA GLY B 82 0.29 2.13 9.63
C GLY B 82 1.37 1.25 10.20
N PRO B 83 2.40 0.97 9.39
CA PRO B 83 3.47 0.07 9.82
C PRO B 83 4.48 0.76 10.72
N CYS B 84 4.01 1.24 11.86
CA CYS B 84 4.89 1.83 12.85
C CYS B 84 5.99 0.85 13.21
N ARG B 85 7.12 1.37 13.67
CA ARG B 85 8.26 0.53 14.04
C ARG B 85 7.99 -0.22 15.34
N ALA B 86 7.06 0.30 16.14
CA ALA B 86 6.66 -0.36 17.38
C ALA B 86 5.72 -1.52 17.07
N ASP B 87 5.85 -2.61 17.83
CA ASP B 87 4.91 -3.72 17.76
C ASP B 87 3.51 -3.24 18.12
N LYS B 88 2.51 -3.90 17.56
CA LYS B 88 1.12 -3.56 17.81
C LYS B 88 0.41 -4.75 18.42
N LEU B 89 -0.03 -4.60 19.67
CA LEU B 89 -0.72 -5.68 20.38
C LEU B 89 -2.18 -5.76 19.97
N CYS B 90 -2.73 -6.96 20.08
CA CYS B 90 -4.15 -7.18 19.80
C CYS B 90 -4.63 -8.39 20.61
N GLY B 91 -5.92 -8.70 20.49
CA GLY B 91 -6.50 -9.83 21.21
C GLY B 91 -8.01 -9.86 21.11
N GLN B 97 -9.72 -7.13 20.87
CA GLN B 97 -9.18 -5.92 20.26
C GLN B 97 -8.63 -6.21 18.87
N LEU B 98 -9.29 -5.67 17.86
CA LEU B 98 -8.94 -5.94 16.47
C LEU B 98 -7.73 -5.12 16.03
N CYS B 99 -7.02 -5.62 15.02
CA CYS B 99 -5.97 -4.87 14.37
C CYS B 99 -6.56 -3.89 13.37
N PRO B 100 -5.85 -2.80 13.09
CA PRO B 100 -6.33 -1.87 12.06
C PRO B 100 -6.05 -2.39 10.66
N ASP B 101 -6.82 -1.89 9.68
CA ASP B 101 -6.52 -2.12 8.27
C ASP B 101 -6.47 -3.62 7.94
N ASN B 102 -7.34 -4.40 8.57
CA ASN B 102 -7.47 -5.83 8.29
C ASN B 102 -6.22 -6.65 8.58
N LEU B 103 -5.30 -6.09 9.37
CA LEU B 103 -4.12 -6.86 9.77
C LEU B 103 -4.53 -8.04 10.63
N CYS B 104 -3.81 -9.14 10.48
CA CYS B 104 -4.10 -10.34 11.25
C CYS B 104 -3.60 -10.23 12.67
N CYS B 105 -4.45 -10.63 13.61
CA CYS B 105 -4.05 -10.77 15.00
C CYS B 105 -3.55 -12.19 15.22
N SER B 106 -2.25 -12.34 15.42
CA SER B 106 -1.64 -13.66 15.55
C SER B 106 -2.13 -14.38 16.80
N GLN B 107 -1.75 -15.64 16.92
CA GLN B 107 -2.07 -16.41 18.12
C GLN B 107 -1.41 -15.81 19.35
N TRP B 108 -0.33 -15.04 19.14
CA TRP B 108 0.42 -14.45 20.25
C TRP B 108 -0.09 -13.05 20.61
N GLY B 109 -1.02 -12.53 19.81
CA GLY B 109 -1.61 -11.23 20.10
C GLY B 109 -0.78 -10.07 19.59
N PHE B 110 -0.23 -10.23 18.38
CA PHE B 110 0.37 -9.11 17.68
C PHE B 110 -0.19 -8.99 16.28
N CYS B 111 -0.20 -7.76 15.76
CA CYS B 111 -0.75 -7.47 14.45
C CYS B 111 0.31 -7.58 13.37
N GLY B 112 -0.07 -8.17 12.25
CA GLY B 112 0.82 -8.28 11.11
C GLY B 112 0.16 -8.99 9.95
N LEU B 113 0.96 -9.26 8.92
CA LEU B 113 0.51 -10.05 7.76
C LEU B 113 1.56 -11.09 7.45
N GLY B 114 1.20 -12.08 6.65
CA GLY B 114 2.04 -13.26 6.45
C GLY B 114 1.57 -14.41 7.32
N VAL B 115 2.13 -15.60 7.09
CA VAL B 115 1.61 -16.81 7.70
C VAL B 115 1.73 -16.82 9.22
N GLU B 116 2.78 -16.20 9.76
CA GLU B 116 2.97 -16.20 11.22
C GLU B 116 1.83 -15.48 11.93
N PHE B 117 1.16 -14.58 11.20
CA PHE B 117 0.07 -13.81 11.76
C PHE B 117 -1.29 -14.32 11.29
N CYS B 118 -1.37 -14.64 10.00
CA CYS B 118 -2.65 -14.95 9.37
C CYS B 118 -2.92 -16.45 9.31
N GLY B 119 -1.89 -17.25 9.57
CA GLY B 119 -2.00 -18.70 9.47
C GLY B 119 -2.57 -19.34 10.72
N ASP B 120 -1.99 -20.47 11.12
CA ASP B 120 -2.46 -21.21 12.28
C ASP B 120 -2.54 -20.32 13.51
N GLY B 121 -3.71 -20.28 14.12
CA GLY B 121 -3.91 -19.54 15.37
C GLY B 121 -4.39 -18.11 15.15
N CYS B 122 -4.47 -17.69 13.89
CA CYS B 122 -4.97 -16.36 13.57
C CYS B 122 -6.31 -16.13 14.26
N GLN B 123 -6.42 -15.01 14.97
CA GLN B 123 -7.61 -14.73 15.77
C GLN B 123 -8.62 -13.88 15.02
N SER B 124 -8.11 -12.97 14.18
CA SER B 124 -8.95 -12.00 13.50
C SER B 124 -8.17 -11.32 12.39
N GLY B 125 -8.85 -10.46 11.64
CA GLY B 125 -8.25 -9.84 10.46
C GLY B 125 -8.25 -10.79 9.28
N ALA B 126 -7.29 -10.59 8.37
CA ALA B 126 -7.26 -11.31 7.10
C ALA B 126 -6.69 -12.72 7.24
N CYS B 127 -7.28 -13.50 8.14
CA CYS B 127 -6.80 -14.86 8.39
C CYS B 127 -6.81 -15.69 7.09
N CYS B 128 -5.81 -16.56 6.97
CA CYS B 128 -5.66 -17.43 5.79
C CYS B 128 -6.86 -18.35 5.61
N SER B 129 -7.25 -19.01 6.70
CA SER B 129 -8.19 -20.09 6.62
C SER B 129 -8.94 -20.27 7.93
N MET B 130 -9.69 -19.25 8.29
CA MET B 130 -10.51 -19.30 9.49
C MET B 130 -11.86 -19.91 9.15
N ARG B 131 -12.22 -20.98 9.84
CA ARG B 131 -13.43 -21.73 9.53
C ARG B 131 -14.65 -21.09 10.18
N CYS B 132 -15.80 -21.33 9.58
CA CYS B 132 -17.03 -20.72 10.04
C CYS B 132 -18.24 -21.48 9.51
N GLY B 133 -19.43 -21.08 9.97
CA GLY B 133 -20.68 -21.65 9.45
C GLY B 133 -20.91 -23.09 9.85
N ARG B 134 -21.69 -23.80 9.05
CA ARG B 134 -22.08 -25.16 9.38
C ARG B 134 -20.87 -26.07 9.49
N GLN B 135 -19.84 -25.80 8.69
CA GLN B 135 -18.62 -26.60 8.72
C GLN B 135 -17.86 -26.42 10.04
N ALA B 136 -18.14 -25.32 10.73
CA ALA B 136 -17.46 -25.03 11.99
C ALA B 136 -18.45 -24.95 13.15
N ASP B 137 -19.57 -25.65 13.01
CA ASP B 137 -20.56 -25.74 14.07
C ASP B 137 -21.16 -24.38 14.43
N GLY B 138 -21.25 -23.50 13.43
CA GLY B 138 -21.96 -22.24 13.61
C GLY B 138 -21.06 -21.14 14.09
N ALA B 139 -19.75 -21.37 14.03
CA ALA B 139 -18.78 -20.34 14.39
C ALA B 139 -18.98 -19.09 13.55
N LYS B 140 -18.78 -17.93 14.18
CA LYS B 140 -18.96 -16.65 13.52
C LYS B 140 -17.62 -16.12 13.04
N CYS B 141 -17.64 -15.36 11.95
CA CYS B 141 -16.43 -14.68 11.50
C CYS B 141 -16.25 -13.39 12.28
N THR B 142 -15.00 -12.94 12.37
CA THR B 142 -14.69 -11.66 12.97
C THR B 142 -14.71 -10.56 11.91
N ASN B 143 -14.53 -9.31 12.36
CA ASN B 143 -14.34 -8.18 11.45
C ASN B 143 -15.53 -7.96 10.53
N ASN B 144 -16.67 -8.51 10.91
CA ASN B 144 -17.86 -8.44 10.06
C ASN B 144 -17.60 -9.01 8.67
N TYR B 145 -16.69 -9.99 8.60
CA TYR B 145 -16.46 -10.73 7.37
C TYR B 145 -17.64 -11.66 7.08
N CYS B 146 -17.74 -12.12 5.84
CA CYS B 146 -18.78 -13.07 5.46
C CYS B 146 -18.26 -14.48 5.58
N CYS B 147 -19.16 -15.40 5.92
CA CYS B 147 -18.84 -16.82 5.91
C CYS B 147 -19.28 -17.43 4.59
N GLY B 148 -18.30 -17.89 3.81
CA GLY B 148 -18.58 -18.45 2.49
C GLY B 148 -19.33 -19.77 2.56
N ALA B 149 -19.72 -20.28 1.40
CA ALA B 149 -20.50 -21.51 1.31
C ALA B 149 -19.75 -22.72 1.89
N SER B 150 -18.44 -22.76 1.68
CA SER B 150 -17.64 -23.91 2.09
C SER B 150 -17.10 -23.76 3.51
N GLY B 151 -17.43 -22.65 4.16
CA GLY B 151 -17.13 -22.47 5.58
C GLY B 151 -15.78 -21.82 5.86
N TYR B 152 -15.41 -20.84 5.05
CA TYR B 152 -14.24 -20.01 5.32
C TYR B 152 -14.64 -18.56 5.44
N CYS B 153 -13.97 -17.83 6.33
CA CYS B 153 -14.21 -16.40 6.48
C CYS B 153 -13.49 -15.61 5.41
N GLY B 154 -14.17 -14.61 4.87
CA GLY B 154 -13.57 -13.74 3.87
C GLY B 154 -14.50 -12.60 3.47
N LEU B 155 -14.04 -11.81 2.51
CA LEU B 155 -14.83 -10.74 1.94
C LEU B 155 -14.78 -10.85 0.43
N GLY B 156 -15.64 -10.09 -0.23
CA GLY B 156 -15.72 -10.13 -1.68
C GLY B 156 -16.84 -11.04 -2.13
N GLY B 157 -17.06 -11.09 -3.44
CA GLY B 157 -18.17 -11.84 -4.00
C GLY B 157 -18.15 -13.32 -3.66
N ASP B 158 -16.96 -13.89 -3.53
CA ASP B 158 -16.81 -15.32 -3.30
C ASP B 158 -17.30 -15.74 -1.91
N TYR B 159 -17.42 -14.78 -1.00
CA TYR B 159 -17.79 -15.09 0.37
C TYR B 159 -19.12 -14.45 0.79
N CYS B 160 -19.40 -13.26 0.25
CA CYS B 160 -20.62 -12.54 0.59
C CYS B 160 -21.72 -12.79 -0.44
N GLY B 161 -21.37 -13.49 -1.51
CA GLY B 161 -22.31 -13.77 -2.59
C GLY B 161 -23.09 -15.05 -2.35
N ALA B 162 -23.29 -15.81 -3.42
CA ALA B 162 -24.09 -17.03 -3.36
C ALA B 162 -23.54 -18.01 -2.33
N GLY B 163 -24.39 -18.39 -1.37
CA GLY B 163 -24.03 -19.39 -0.39
C GLY B 163 -23.54 -18.79 0.93
N CYS B 164 -23.44 -17.46 0.97
CA CYS B 164 -22.97 -16.77 2.17
C CYS B 164 -23.85 -17.17 3.37
N GLN B 165 -23.19 -17.69 4.40
CA GLN B 165 -23.90 -18.28 5.54
C GLN B 165 -24.20 -17.25 6.63
N SER B 166 -23.24 -16.36 6.87
CA SER B 166 -23.36 -15.39 7.94
C SER B 166 -22.50 -14.17 7.65
N GLY B 167 -22.61 -13.16 8.51
CA GLY B 167 -21.99 -11.87 8.24
C GLY B 167 -22.89 -11.02 7.39
N PRO B 168 -22.31 -10.00 6.74
CA PRO B 168 -23.10 -9.09 5.91
C PRO B 168 -23.29 -9.59 4.49
N CYS B 169 -23.93 -10.75 4.34
CA CYS B 169 -24.25 -11.28 3.02
C CYS B 169 -25.05 -10.24 2.24
N THR B 170 -24.95 -10.31 0.90
CA THR B 170 -25.68 -9.37 0.05
C THR B 170 -26.94 -10.01 -0.50
C1 NAG C . -6.82 14.65 -16.51
C2 NAG C . -5.99 13.72 -15.65
C3 NAG C . -5.23 12.78 -16.56
C4 NAG C . -6.25 12.02 -17.41
C5 NAG C . -7.16 13.00 -18.13
C6 NAG C . -8.24 12.21 -18.89
C7 NAG C . -5.15 14.44 -13.47
C8 NAG C . -4.19 15.37 -12.73
N2 NAG C . -5.06 14.49 -14.81
O1 NAG C . -7.44 15.64 -15.68
O3 NAG C . -4.45 11.88 -15.77
O4 NAG C . -5.57 11.23 -18.40
O5 NAG C . -7.81 13.86 -17.17
O6 NAG C . -9.11 13.13 -19.56
O7 NAG C . -5.88 13.66 -12.85
C1 GAL C . -5.45 9.88 -17.95
C2 GAL C . -5.60 8.92 -19.14
C3 GAL C . -5.30 7.50 -18.68
C4 GAL C . -3.96 7.44 -17.97
C5 GAL C . -3.97 8.46 -16.84
C6 GAL C . -2.63 8.44 -16.11
O2 GAL C . -6.94 8.98 -19.63
O3 GAL C . -5.28 6.63 -19.83
O4 GAL C . -2.91 7.77 -18.89
O5 GAL C . -4.15 9.76 -17.38
O6 GAL C . -2.53 9.63 -15.32
C1 NAG D . 17.56 12.35 9.14
C2 NAG D . 16.48 11.65 8.36
C3 NAG D . 15.75 10.68 9.27
C4 NAG D . 16.75 9.67 9.80
C5 NAG D . 17.86 10.42 10.54
C6 NAG D . 18.91 9.40 10.99
C7 NAG D . 15.47 12.89 6.53
C8 NAG D . 14.25 13.70 6.10
N2 NAG D . 15.52 12.63 7.84
O1 NAG D . 16.98 13.10 10.21
O3 NAG D . 14.73 10.00 8.51
O4 NAG D . 16.09 8.78 10.71
O5 NAG D . 18.49 11.37 9.65
O6 NAG D . 19.96 10.08 11.69
O7 NAG D . 16.27 12.47 5.71
C1 GOL E . 22.46 8.65 4.10
O1 GOL E . 22.64 7.99 2.84
C2 GOL E . 23.79 9.27 4.56
O2 GOL E . 24.87 8.70 3.82
C3 GOL E . 23.98 9.01 6.05
O3 GOL E . 24.16 10.25 6.73
C1 NAG F . 5.56 -11.78 19.09
C2 NAG F . 5.16 -11.26 17.74
C3 NAG F . 6.26 -10.37 17.20
C4 NAG F . 6.50 -9.23 18.18
C5 NAG F . 6.80 -9.80 19.57
C6 NAG F . 6.93 -8.64 20.56
C7 NAG F . 3.72 -12.74 16.44
C8 NAG F . 3.65 -13.73 15.28
N2 NAG F . 4.96 -12.36 16.80
O1 NAG F . 6.79 -12.50 18.97
O3 NAG F . 5.84 -9.87 15.94
O4 NAG F . 7.61 -8.44 17.72
O5 NAG F . 5.74 -10.67 20.01
O6 NAG F . 7.24 -9.13 21.87
O7 NAG F . 2.71 -12.37 17.02
#